data_1GCD
#
_entry.id   1GCD
#
_cell.length_a   69.000
_cell.length_b   69.000
_cell.length_c   95.300
_cell.angle_alpha   90.00
_cell.angle_beta   90.00
_cell.angle_gamma   90.00
#
_symmetry.space_group_name_H-M   'P 42 21 2'
#
loop_
_entity.id
_entity.type
_entity.pdbx_description
1 polymer GAMMA-CHYMOTRYPSIN
2 non-polymer 'SULFATE ION'
3 non-polymer 'DIETHYL PHOSPHONATE'
4 water water
#
_entity_poly.entity_id   1
_entity_poly.type   'polypeptide(L)'
_entity_poly.pdbx_seq_one_letter_code
;CGVPAIQPVLSGLSRIVNGEEAVPGSWPWQVSLQDKTGFHFCGGSLINENWVVTAAHCGVTTSDVVVAGEFDQGSSSEKI
QKLKIAKVFKNSKYNSLTINNDITLLKLSTAASFSQTVSAVCLPSASDDFAAGTTCVTTGWGLTRYTNANTPDRLQQASL
PLLSNTNCKKYWGTKIKDAMICAGASGVSSCMGDSGGPLVCKKNGAWTLVGIVSWGSSTCSTSTPGVYARVTALVNWVQQ
TLAAN
;
_entity_poly.pdbx_strand_id   A
#
# COMPACT_ATOMS: atom_id res chain seq x y z
N CYS A 1 5.19 11.67 11.22
CA CYS A 1 4.43 10.68 10.42
C CYS A 1 3.96 9.51 11.29
N GLY A 2 3.19 8.67 10.58
CA GLY A 2 2.63 7.46 11.06
C GLY A 2 1.78 7.43 12.27
N VAL A 3 1.25 8.55 12.73
CA VAL A 3 0.37 8.54 13.93
C VAL A 3 -0.99 9.15 13.57
N PRO A 4 -1.94 8.31 13.21
CA PRO A 4 -3.28 8.77 12.83
C PRO A 4 -3.96 9.55 13.94
N ALA A 5 -4.66 10.60 13.51
CA ALA A 5 -5.44 11.45 14.44
C ALA A 5 -6.64 10.63 14.94
N ILE A 6 -7.20 9.85 14.03
CA ILE A 6 -8.34 8.95 14.31
C ILE A 6 -7.70 7.55 14.42
N GLN A 7 -7.54 7.09 15.63
CA GLN A 7 -6.92 5.83 15.95
C GLN A 7 -7.64 4.61 15.41
N PRO A 8 -6.86 3.86 14.61
CA PRO A 8 -7.36 2.63 14.02
C PRO A 8 -7.63 1.63 15.15
N VAL A 9 -8.75 0.92 14.95
CA VAL A 9 -9.12 -0.11 15.96
C VAL A 9 -9.12 -1.43 15.18
N LEU A 10 -8.28 -2.32 15.65
CA LEU A 10 -8.15 -3.66 15.02
C LEU A 10 -9.10 -4.63 15.72
N ILE A 16 -9.16 -7.02 0.14
CA ILE A 16 -8.83 -7.89 1.26
C ILE A 16 -9.91 -8.92 1.59
N VAL A 17 -9.47 -10.18 1.58
CA VAL A 17 -10.40 -11.27 1.86
C VAL A 17 -10.30 -11.66 3.35
N ASN A 18 -11.44 -11.55 4.03
CA ASN A 18 -11.41 -11.98 5.47
C ASN A 18 -11.01 -10.87 6.39
N GLY A 19 -11.00 -9.66 5.89
CA GLY A 19 -10.66 -8.45 6.59
C GLY A 19 -11.90 -7.98 7.37
N GLU A 20 -11.81 -6.72 7.71
CA GLU A 20 -12.84 -6.03 8.48
C GLU A 20 -12.90 -4.58 8.05
N GLU A 21 -14.09 -4.03 8.22
CA GLU A 21 -14.25 -2.61 7.90
C GLU A 21 -13.42 -1.80 8.89
N ALA A 22 -12.68 -0.84 8.39
CA ALA A 22 -11.83 0.04 9.20
C ALA A 22 -12.68 1.15 9.82
N VAL A 23 -12.13 1.84 10.82
CA VAL A 23 -12.86 3.00 11.44
C VAL A 23 -12.59 4.12 10.40
N PRO A 24 -13.60 4.85 9.98
CA PRO A 24 -13.43 5.93 9.00
C PRO A 24 -12.30 6.87 9.36
N GLY A 25 -11.44 7.11 8.38
CA GLY A 25 -10.29 8.00 8.47
C GLY A 25 -9.07 7.58 9.29
N SER A 26 -9.05 6.36 9.77
CA SER A 26 -8.04 5.74 10.60
C SER A 26 -6.74 5.32 9.95
N TRP A 27 -6.68 5.28 8.66
CA TRP A 27 -5.50 4.96 7.83
C TRP A 27 -5.41 6.16 6.86
N PRO A 28 -5.01 7.30 7.46
CA PRO A 28 -4.93 8.58 6.77
C PRO A 28 -4.08 8.68 5.56
N TRP A 29 -3.08 7.83 5.42
CA TRP A 29 -2.17 7.82 4.28
C TRP A 29 -2.75 7.02 3.12
N GLN A 30 -3.75 6.19 3.41
CA GLN A 30 -4.35 5.37 2.31
C GLN A 30 -5.08 6.23 1.29
N VAL A 31 -4.67 6.11 0.04
CA VAL A 31 -5.28 6.87 -1.06
C VAL A 31 -5.78 5.80 -2.06
N SER A 32 -6.51 6.35 -2.99
CA SER A 32 -7.10 5.45 -4.02
C SER A 32 -6.66 6.02 -5.36
N LEU A 33 -6.19 5.10 -6.18
CA LEU A 33 -5.81 5.44 -7.56
C LEU A 33 -7.07 5.14 -8.41
N GLN A 34 -7.54 6.17 -9.09
CA GLN A 34 -8.72 6.16 -9.94
C GLN A 34 -8.46 6.60 -11.37
N ASP A 35 -9.12 5.93 -12.31
CA ASP A 35 -8.96 6.29 -13.76
C ASP A 35 -9.90 7.45 -14.04
N LYS A 36 -9.91 7.94 -15.30
CA LYS A 36 -10.75 9.04 -15.72
C LYS A 36 -12.23 8.82 -15.34
N THR A 37 -12.59 7.57 -15.37
CA THR A 37 -13.91 7.00 -15.12
C THR A 37 -14.35 6.97 -13.69
N GLY A 38 -13.43 7.17 -12.75
CA GLY A 38 -13.72 7.15 -11.29
C GLY A 38 -13.52 5.76 -10.71
N PHE A 39 -13.09 4.84 -11.56
CA PHE A 39 -12.83 3.43 -11.16
C PHE A 39 -11.54 3.29 -10.36
N HIS A 40 -11.63 2.82 -9.15
CA HIS A 40 -10.52 2.51 -8.24
C HIS A 40 -9.84 1.24 -8.75
N PHE A 41 -8.58 1.31 -9.10
CA PHE A 41 -7.79 0.20 -9.60
C PHE A 41 -6.59 -0.10 -8.70
N CYS A 42 -6.22 0.84 -7.84
CA CYS A 42 -5.03 0.53 -6.96
C CYS A 42 -5.05 1.48 -5.77
N GLY A 43 -4.32 1.03 -4.76
CA GLY A 43 -4.15 1.79 -3.49
C GLY A 43 -2.84 2.60 -3.59
N GLY A 44 -2.58 3.42 -2.60
CA GLY A 44 -1.36 4.25 -2.57
C GLY A 44 -1.27 4.71 -1.08
N SER A 45 -0.07 5.24 -0.79
CA SER A 45 0.22 5.77 0.54
C SER A 45 0.94 7.12 0.37
N LEU A 46 0.41 8.12 1.03
CA LEU A 46 0.96 9.48 1.10
C LEU A 46 2.21 9.37 2.02
N ILE A 47 3.29 10.00 1.64
CA ILE A 47 4.54 10.00 2.41
C ILE A 47 4.82 11.42 2.87
N ASN A 48 4.14 12.34 2.21
CA ASN A 48 4.19 13.77 2.51
C ASN A 48 3.07 14.39 1.65
N GLU A 49 2.90 15.67 1.76
CA GLU A 49 1.83 16.36 1.00
C GLU A 49 1.99 16.39 -0.49
N ASN A 50 3.16 16.07 -1.02
CA ASN A 50 3.36 16.12 -2.47
C ASN A 50 3.68 14.79 -3.14
N TRP A 51 3.84 13.77 -2.35
CA TRP A 51 4.22 12.46 -2.87
C TRP A 51 3.43 11.29 -2.36
N VAL A 52 3.13 10.39 -3.30
CA VAL A 52 2.42 9.14 -3.06
C VAL A 52 3.30 7.94 -3.46
N VAL A 53 3.30 6.91 -2.57
CA VAL A 53 4.07 5.69 -2.96
C VAL A 53 3.00 4.62 -3.32
N THR A 54 3.29 3.95 -4.43
CA THR A 54 2.38 2.87 -4.93
C THR A 54 3.19 1.76 -5.56
N ALA A 55 2.57 0.82 -6.21
CA ALA A 55 3.25 -0.31 -6.88
C ALA A 55 3.52 0.12 -8.34
N ALA A 56 4.67 -0.26 -8.85
CA ALA A 56 5.02 0.09 -10.24
C ALA A 56 4.04 -0.62 -11.18
N HIS A 57 3.57 -1.77 -10.83
CA HIS A 57 2.66 -2.59 -11.64
C HIS A 57 1.28 -1.94 -11.80
N CYS A 58 0.92 -1.01 -10.95
CA CYS A 58 -0.37 -0.30 -11.05
C CYS A 58 -0.50 0.45 -12.36
N GLY A 59 0.62 0.72 -12.95
CA GLY A 59 0.80 1.38 -14.21
C GLY A 59 0.14 2.75 -14.34
N VAL A 60 0.18 3.52 -13.28
CA VAL A 60 -0.38 4.86 -13.16
C VAL A 60 0.24 5.80 -14.20
N THR A 61 -0.59 6.73 -14.67
CA THR A 61 -0.20 7.75 -15.62
C THR A 61 -0.66 9.10 -15.03
N THR A 62 -0.30 10.14 -15.79
CA THR A 62 -0.71 11.50 -15.37
C THR A 62 -2.17 11.70 -15.66
N SER A 63 -2.82 10.68 -16.29
CA SER A 63 -4.26 10.86 -16.55
C SER A 63 -5.05 10.21 -15.43
N ASP A 64 -4.40 9.54 -14.49
CA ASP A 64 -5.12 8.94 -13.35
C ASP A 64 -5.13 10.03 -12.25
N VAL A 65 -5.96 9.83 -11.24
CA VAL A 65 -5.99 10.81 -10.12
C VAL A 65 -5.75 10.09 -8.79
N VAL A 66 -5.11 10.84 -7.89
CA VAL A 66 -4.86 10.35 -6.52
C VAL A 66 -6.08 10.86 -5.70
N VAL A 67 -6.74 9.93 -5.02
CA VAL A 67 -7.89 10.38 -4.19
C VAL A 67 -7.53 10.14 -2.72
N ALA A 68 -7.67 11.20 -1.96
CA ALA A 68 -7.39 11.16 -0.51
C ALA A 68 -8.63 11.46 0.31
N GLY A 69 -8.66 10.87 1.52
CA GLY A 69 -9.73 11.08 2.48
C GLY A 69 -10.98 10.29 2.37
N GLU A 70 -11.04 9.27 1.50
CA GLU A 70 -12.24 8.47 1.36
C GLU A 70 -12.16 7.32 2.39
N PHE A 71 -13.35 6.88 2.67
CA PHE A 71 -13.65 5.74 3.54
C PHE A 71 -14.63 4.91 2.72
N ASP A 72 -15.75 5.57 2.41
CA ASP A 72 -16.82 4.96 1.58
C ASP A 72 -16.76 5.48 0.16
N GLN A 73 -16.24 4.66 -0.76
CA GLN A 73 -16.13 5.10 -2.20
C GLN A 73 -17.49 5.29 -2.87
N GLY A 74 -18.55 4.77 -2.29
CA GLY A 74 -19.91 4.89 -2.82
C GLY A 74 -20.57 6.18 -2.34
N SER A 75 -19.94 6.82 -1.37
CA SER A 75 -20.44 8.05 -0.77
C SER A 75 -20.09 9.36 -1.45
N SER A 76 -21.06 10.29 -1.34
CA SER A 76 -20.91 11.64 -1.90
C SER A 76 -20.79 12.67 -0.78
N SER A 77 -20.79 12.17 0.46
CA SER A 77 -20.74 13.08 1.62
C SER A 77 -19.44 13.23 2.34
N GLU A 78 -18.37 12.67 1.83
CA GLU A 78 -17.05 12.82 2.46
C GLU A 78 -16.29 13.98 1.86
N LYS A 79 -15.50 14.66 2.66
CA LYS A 79 -14.66 15.78 2.23
C LYS A 79 -13.37 15.04 1.78
N ILE A 80 -13.31 14.78 0.50
CA ILE A 80 -12.20 14.06 -0.13
C ILE A 80 -11.38 14.99 -0.98
N GLN A 81 -10.16 14.52 -1.33
CA GLN A 81 -9.27 15.32 -2.19
C GLN A 81 -8.86 14.54 -3.44
N LYS A 82 -9.31 14.99 -4.57
CA LYS A 82 -8.96 14.36 -5.89
C LYS A 82 -7.79 15.23 -6.38
N LEU A 83 -6.62 14.61 -6.31
CA LEU A 83 -5.39 15.34 -6.68
C LEU A 83 -4.84 14.91 -8.01
N LYS A 84 -4.42 15.93 -8.76
CA LYS A 84 -3.80 15.65 -10.09
C LYS A 84 -2.37 15.20 -9.84
N ILE A 85 -1.87 14.35 -10.69
CA ILE A 85 -0.52 13.79 -10.65
C ILE A 85 0.40 14.54 -11.61
N ALA A 86 1.39 15.22 -11.12
CA ALA A 86 2.37 15.99 -11.92
C ALA A 86 3.28 15.06 -12.73
N LYS A 87 3.65 13.93 -12.14
CA LYS A 87 4.51 12.97 -12.83
C LYS A 87 4.72 11.66 -12.07
N VAL A 88 4.95 10.66 -12.88
CA VAL A 88 5.16 9.26 -12.49
C VAL A 88 6.63 8.90 -12.47
N PHE A 89 7.11 8.44 -11.33
CA PHE A 89 8.49 8.01 -11.13
C PHE A 89 8.55 6.52 -10.88
N LYS A 90 8.65 5.73 -11.92
CA LYS A 90 8.74 4.25 -11.76
C LYS A 90 10.19 3.91 -11.44
N ASN A 91 10.45 3.18 -10.39
CA ASN A 91 11.86 2.82 -10.04
C ASN A 91 12.47 2.13 -11.27
N SER A 92 13.63 2.59 -11.73
CA SER A 92 14.27 1.96 -12.89
C SER A 92 14.65 0.49 -12.56
N LYS A 93 14.77 0.12 -11.29
CA LYS A 93 15.10 -1.28 -10.94
C LYS A 93 13.92 -2.24 -11.15
N TYR A 94 12.75 -1.64 -11.34
CA TYR A 94 11.51 -2.44 -11.53
C TYR A 94 11.64 -3.41 -12.68
N ASN A 95 11.27 -4.64 -12.42
CA ASN A 95 11.27 -5.76 -13.40
C ASN A 95 9.84 -6.31 -13.41
N SER A 96 9.10 -5.96 -14.45
CA SER A 96 7.69 -6.38 -14.60
C SER A 96 7.56 -7.87 -14.83
N LEU A 97 8.57 -8.47 -15.43
CA LEU A 97 8.54 -9.93 -15.72
C LEU A 97 8.51 -10.72 -14.43
N THR A 98 9.29 -10.27 -13.46
CA THR A 98 9.38 -10.90 -12.15
C THR A 98 8.67 -10.15 -11.04
N ILE A 99 8.07 -9.02 -11.38
CA ILE A 99 7.38 -8.15 -10.43
C ILE A 99 8.31 -7.79 -9.28
N ASN A 100 9.58 -7.58 -9.60
CA ASN A 100 10.58 -7.22 -8.59
C ASN A 100 10.78 -5.70 -8.57
N ASN A 101 11.05 -5.19 -7.40
CA ASN A 101 11.28 -3.77 -7.08
C ASN A 101 10.05 -3.02 -7.56
N ASP A 102 8.91 -3.56 -7.17
CA ASP A 102 7.61 -3.03 -7.57
C ASP A 102 7.16 -1.76 -6.88
N ILE A 103 7.79 -0.65 -7.26
CA ILE A 103 7.44 0.64 -6.63
C ILE A 103 7.52 1.80 -7.60
N THR A 104 6.62 2.73 -7.47
CA THR A 104 6.47 3.96 -8.23
C THR A 104 6.11 5.12 -7.26
N LEU A 105 6.69 6.26 -7.48
CA LEU A 105 6.43 7.47 -6.69
C LEU A 105 5.56 8.34 -7.61
N LEU A 106 4.61 9.01 -7.04
CA LEU A 106 3.68 9.91 -7.70
C LEU A 106 3.89 11.28 -6.99
N LYS A 107 4.22 12.21 -7.86
CA LYS A 107 4.42 13.61 -7.46
C LYS A 107 3.09 14.32 -7.85
N LEU A 108 2.44 14.92 -6.88
CA LEU A 108 1.16 15.61 -7.08
C LEU A 108 1.38 16.99 -7.68
N SER A 109 0.45 17.38 -8.53
CA SER A 109 0.52 18.70 -9.20
C SER A 109 0.29 19.76 -8.10
N THR A 110 -0.63 19.40 -7.24
CA THR A 110 -0.96 20.29 -6.11
C THR A 110 -0.90 19.42 -4.83
N ALA A 111 -0.34 20.06 -3.81
CA ALA A 111 -0.14 19.45 -2.51
C ALA A 111 -1.43 19.05 -1.82
N ALA A 112 -1.41 17.88 -1.16
CA ALA A 112 -2.58 17.47 -0.39
C ALA A 112 -2.61 18.42 0.83
N SER A 113 -3.81 18.61 1.34
CA SER A 113 -4.07 19.44 2.51
C SER A 113 -4.16 18.44 3.66
N PHE A 114 -3.12 18.37 4.48
CA PHE A 114 -3.20 17.36 5.58
C PHE A 114 -4.29 17.78 6.54
N SER A 115 -4.98 16.77 7.04
CA SER A 115 -6.08 16.93 7.98
C SER A 115 -6.02 15.71 8.91
N GLN A 116 -7.11 15.54 9.58
CA GLN A 116 -7.33 14.45 10.54
C GLN A 116 -7.47 13.13 9.76
N THR A 117 -8.07 13.27 8.59
CA THR A 117 -8.31 12.10 7.72
C THR A 117 -7.30 11.92 6.60
N VAL A 118 -6.35 12.81 6.45
CA VAL A 118 -5.32 12.74 5.39
C VAL A 118 -3.97 13.13 5.98
N SER A 119 -3.07 12.14 6.06
CA SER A 119 -1.72 12.40 6.63
C SER A 119 -0.73 11.37 6.10
N ALA A 120 0.55 11.50 6.49
CA ALA A 120 1.59 10.59 6.00
C ALA A 120 1.93 9.40 6.87
N VAL A 121 2.35 8.32 6.20
CA VAL A 121 2.82 7.09 6.85
C VAL A 121 4.35 7.33 6.96
N CYS A 122 5.01 6.67 7.85
CA CYS A 122 6.48 6.82 8.00
C CYS A 122 7.12 5.82 7.04
N LEU A 123 8.36 6.07 6.70
CA LEU A 123 9.20 5.22 5.85
C LEU A 123 10.33 4.76 6.78
N PRO A 124 10.73 3.50 6.65
CA PRO A 124 11.81 2.97 7.49
C PRO A 124 13.19 3.36 6.98
N SER A 125 14.21 2.92 7.67
CA SER A 125 15.65 3.14 7.29
C SER A 125 16.02 1.90 6.48
N ALA A 126 16.95 1.94 5.53
CA ALA A 126 17.28 0.79 4.72
C ALA A 126 17.77 -0.41 5.55
N SER A 127 18.44 -0.13 6.64
CA SER A 127 18.95 -1.11 7.57
C SER A 127 17.91 -1.65 8.54
N ASP A 128 16.72 -1.13 8.65
CA ASP A 128 15.71 -1.63 9.61
C ASP A 128 15.37 -3.10 9.50
N ASP A 129 15.09 -3.75 10.65
CA ASP A 129 14.72 -5.17 10.67
C ASP A 129 13.22 -5.39 10.97
N PHE A 130 12.53 -6.01 10.06
CA PHE A 130 11.06 -6.33 10.30
C PHE A 130 11.04 -7.85 10.42
N ALA A 131 11.10 -8.34 11.65
CA ALA A 131 11.17 -9.76 11.95
C ALA A 131 9.96 -10.61 11.55
N ALA A 132 10.34 -11.83 11.15
CA ALA A 132 9.29 -12.82 10.77
C ALA A 132 8.51 -13.08 12.07
N GLY A 133 7.19 -13.09 11.97
CA GLY A 133 6.29 -13.31 13.09
C GLY A 133 5.59 -12.05 13.57
N THR A 134 6.17 -10.91 13.19
CA THR A 134 5.65 -9.60 13.54
C THR A 134 4.30 -9.41 12.87
N THR A 135 3.34 -8.90 13.58
CA THR A 135 2.00 -8.64 13.09
C THR A 135 1.87 -7.20 12.62
N CYS A 136 1.50 -7.12 11.33
CA CYS A 136 1.31 -5.81 10.68
C CYS A 136 -0.10 -5.72 10.14
N VAL A 137 -0.40 -4.61 9.50
CA VAL A 137 -1.76 -4.39 8.94
C VAL A 137 -1.66 -3.95 7.48
N THR A 138 -2.61 -4.48 6.75
CA THR A 138 -2.73 -4.12 5.30
C THR A 138 -4.16 -3.55 5.14
N THR A 139 -4.27 -2.55 4.29
CA THR A 139 -5.57 -1.88 4.06
C THR A 139 -5.86 -1.73 2.58
N GLY A 140 -7.11 -1.47 2.21
CA GLY A 140 -7.46 -1.29 0.77
C GLY A 140 -8.90 -1.61 0.45
N TRP A 141 -9.28 -1.37 -0.79
CA TRP A 141 -10.62 -1.60 -1.33
C TRP A 141 -10.66 -2.73 -2.36
N GLY A 142 -9.67 -3.61 -2.34
CA GLY A 142 -9.68 -4.73 -3.34
C GLY A 142 -10.82 -5.69 -2.87
N LEU A 143 -11.06 -6.65 -3.75
CA LEU A 143 -12.05 -7.69 -3.55
C LEU A 143 -11.94 -8.31 -2.15
N THR A 144 -13.14 -8.57 -1.64
CA THR A 144 -13.30 -9.22 -0.35
C THR A 144 -13.65 -10.69 -0.64
N ARG A 145 -13.92 -10.94 -1.92
CA ARG A 145 -14.25 -12.30 -2.37
C ARG A 145 -13.87 -12.42 -3.82
N TYR A 146 -13.03 -13.39 -4.11
CA TYR A 146 -12.53 -13.66 -5.46
C TYR A 146 -13.71 -14.34 -6.23
N ASN A 150 -17.26 -8.91 -6.20
CA ASN A 150 -17.17 -8.75 -4.69
C ASN A 150 -16.20 -7.62 -4.34
N THR A 151 -16.57 -6.37 -4.62
CA THR A 151 -15.78 -5.17 -4.38
C THR A 151 -16.45 -4.26 -3.33
N PRO A 152 -15.70 -3.95 -2.28
CA PRO A 152 -16.23 -3.11 -1.21
C PRO A 152 -16.13 -1.63 -1.46
N ASP A 153 -17.15 -0.96 -0.94
CA ASP A 153 -17.28 0.50 -0.99
C ASP A 153 -16.40 1.11 0.13
N ARG A 154 -16.52 0.48 1.29
CA ARG A 154 -15.82 0.88 2.52
C ARG A 154 -14.49 0.22 2.74
N LEU A 155 -13.53 1.04 3.16
CA LEU A 155 -12.14 0.58 3.38
C LEU A 155 -12.00 -0.54 4.38
N GLN A 156 -11.33 -1.58 3.96
CA GLN A 156 -11.07 -2.79 4.77
C GLN A 156 -9.63 -2.77 5.29
N GLN A 157 -9.40 -3.50 6.36
CA GLN A 157 -8.11 -3.69 7.02
C GLN A 157 -8.04 -5.16 7.49
N ALA A 158 -6.85 -5.63 7.71
CA ALA A 158 -6.50 -6.95 8.20
C ALA A 158 -5.08 -6.98 8.77
N SER A 159 -4.95 -7.55 9.93
CA SER A 159 -3.74 -7.78 10.70
C SER A 159 -3.24 -9.13 10.13
N LEU A 160 -1.94 -9.26 10.01
CA LEU A 160 -1.37 -10.47 9.42
C LEU A 160 0.12 -10.45 9.72
N PRO A 161 0.71 -11.62 9.76
CA PRO A 161 2.15 -11.74 10.08
C PRO A 161 3.12 -11.70 8.98
N LEU A 162 4.32 -11.20 9.23
CA LEU A 162 5.43 -11.15 8.27
C LEU A 162 6.02 -12.58 8.23
N LEU A 163 6.49 -13.00 7.08
CA LEU A 163 7.13 -14.33 6.92
C LEU A 163 8.59 -13.99 6.58
N SER A 164 9.46 -14.95 6.63
CA SER A 164 10.88 -14.73 6.25
C SER A 164 10.94 -15.16 4.75
N ASN A 165 11.91 -14.62 4.03
CA ASN A 165 12.01 -14.98 2.57
C ASN A 165 12.15 -16.47 2.39
N THR A 166 12.96 -17.09 3.22
CA THR A 166 13.24 -18.52 3.21
C THR A 166 12.00 -19.37 3.32
N ASN A 167 11.16 -18.98 4.27
CA ASN A 167 9.90 -19.74 4.49
C ASN A 167 8.93 -19.49 3.35
N CYS A 168 9.00 -18.26 2.84
CA CYS A 168 8.09 -17.91 1.73
C CYS A 168 8.46 -18.71 0.47
N LYS A 169 9.75 -18.95 0.30
CA LYS A 169 10.20 -19.69 -0.91
C LYS A 169 9.49 -21.04 -0.97
N LYS A 170 9.18 -21.56 0.21
CA LYS A 170 8.49 -22.86 0.33
C LYS A 170 7.23 -22.90 -0.50
N TYR A 171 6.53 -21.78 -0.62
CA TYR A 171 5.31 -21.68 -1.37
C TYR A 171 5.55 -21.15 -2.79
N TRP A 172 6.37 -20.12 -2.88
CA TRP A 172 6.64 -19.46 -4.17
C TRP A 172 7.95 -19.71 -4.83
N GLY A 173 8.88 -20.44 -4.23
CA GLY A 173 10.17 -20.70 -4.85
C GLY A 173 11.01 -19.51 -5.22
N THR A 174 11.58 -19.59 -6.44
CA THR A 174 12.46 -18.60 -6.99
C THR A 174 11.79 -17.29 -7.37
N LYS A 175 10.48 -17.24 -7.18
CA LYS A 175 9.72 -16.03 -7.48
C LYS A 175 10.04 -14.95 -6.47
N ILE A 176 10.36 -15.37 -5.24
CA ILE A 176 10.68 -14.40 -4.16
C ILE A 176 12.09 -13.89 -4.31
N LYS A 177 12.23 -12.58 -4.42
CA LYS A 177 13.54 -11.93 -4.53
C LYS A 177 13.79 -11.10 -3.26
N ASP A 178 15.01 -10.63 -3.15
CA ASP A 178 15.45 -9.82 -2.02
C ASP A 178 14.55 -8.60 -1.81
N ALA A 179 14.07 -8.04 -2.89
CA ALA A 179 13.21 -6.81 -2.78
C ALA A 179 11.77 -7.10 -2.50
N MET A 180 11.47 -8.29 -2.05
CA MET A 180 10.14 -8.77 -1.70
C MET A 180 10.10 -9.20 -0.23
N ILE A 181 8.90 -9.05 0.31
CA ILE A 181 8.63 -9.46 1.70
C ILE A 181 7.24 -10.12 1.69
N CYS A 182 7.19 -11.33 2.25
CA CYS A 182 5.92 -12.06 2.32
C CYS A 182 5.16 -11.81 3.63
N ALA A 183 3.84 -11.78 3.44
CA ALA A 183 2.93 -11.57 4.59
C ALA A 183 1.63 -12.33 4.34
N GLY A 184 1.02 -12.81 5.41
CA GLY A 184 -0.26 -13.52 5.30
C GLY A 184 -0.18 -15.01 5.55
N ALA A 185 -0.90 -15.74 4.69
CA ALA A 185 -0.95 -17.22 4.82
C ALA A 185 -1.59 -17.53 6.17
N SER A 186 -2.29 -16.54 6.69
CA SER A 186 -2.92 -16.45 7.97
C SER A 186 -4.41 -16.49 8.12
N GLY A 187 -5.12 -16.61 7.00
CA GLY A 187 -6.61 -16.65 7.08
C GLY A 187 -7.12 -15.34 6.47
N VAL A 188 -6.19 -14.55 5.96
CA VAL A 188 -6.59 -13.28 5.27
C VAL A 188 -5.75 -13.19 3.98
N SER A 189 -6.26 -12.42 3.00
CA SER A 189 -5.52 -12.25 1.75
C SER A 189 -5.76 -10.86 1.17
N SER A 190 -4.66 -10.31 0.65
CA SER A 190 -4.75 -9.01 -0.09
C SER A 190 -5.35 -9.50 -1.44
N CYS A 191 -6.09 -8.72 -2.19
CA CYS A 191 -6.70 -9.23 -3.46
C CYS A 191 -6.73 -8.15 -4.53
N MET A 192 -7.20 -8.51 -5.74
CA MET A 192 -7.23 -7.54 -6.85
C MET A 192 -7.85 -6.22 -6.40
N GLY A 193 -7.08 -5.14 -6.56
CA GLY A 193 -7.52 -3.78 -6.18
C GLY A 193 -6.80 -3.24 -4.96
N ASP A 194 -6.13 -4.10 -4.22
CA ASP A 194 -5.34 -3.86 -3.04
C ASP A 194 -3.93 -3.38 -3.39
N SER A 195 -3.53 -3.74 -4.62
CA SER A 195 -2.17 -3.42 -5.12
C SER A 195 -1.87 -1.94 -5.02
N GLY A 196 -0.61 -1.64 -4.63
CA GLY A 196 -0.10 -0.31 -4.48
C GLY A 196 -0.27 0.25 -3.07
N GLY A 197 -1.19 -0.39 -2.37
CA GLY A 197 -1.56 -0.10 -1.00
C GLY A 197 -0.49 -0.52 0.01
N PRO A 198 -0.70 -0.02 1.24
CA PRO A 198 0.18 -0.25 2.34
C PRO A 198 0.08 -1.51 3.15
N LEU A 199 1.29 -1.87 3.61
CA LEU A 199 1.50 -2.97 4.56
C LEU A 199 2.28 -2.15 5.67
N VAL A 200 1.59 -1.90 6.77
CA VAL A 200 2.26 -1.12 7.83
C VAL A 200 2.43 -1.91 9.12
N CYS A 201 3.52 -1.55 9.81
CA CYS A 201 3.86 -2.20 11.11
C CYS A 201 4.02 -1.05 12.14
N LYS A 202 3.42 -1.27 13.30
CA LYS A 202 3.43 -0.32 14.40
C LYS A 202 4.56 -0.59 15.39
N LYS A 203 5.24 0.49 15.74
CA LYS A 203 6.37 0.44 16.68
C LYS A 203 6.57 1.84 17.25
N ASN A 204 7.15 1.83 18.45
CA ASN A 204 7.40 3.10 19.18
C ASN A 204 6.29 4.06 18.78
N GLY A 205 5.04 3.57 18.90
CA GLY A 205 3.81 4.22 18.63
C GLY A 205 3.44 4.79 17.31
N ALA A 206 4.11 4.45 16.23
CA ALA A 206 3.86 4.95 14.89
C ALA A 206 3.90 3.79 13.89
N TRP A 207 3.27 4.01 12.78
CA TRP A 207 3.13 3.06 11.65
C TRP A 207 4.14 3.41 10.57
N THR A 208 4.89 2.40 10.19
CA THR A 208 5.92 2.49 9.18
C THR A 208 5.51 1.55 8.03
N LEU A 209 5.74 2.05 6.85
CA LEU A 209 5.39 1.31 5.61
C LEU A 209 6.50 0.28 5.40
N VAL A 210 6.15 -0.98 5.54
CA VAL A 210 7.17 -2.06 5.39
C VAL A 210 7.02 -2.77 4.04
N GLY A 211 5.79 -2.68 3.56
CA GLY A 211 5.46 -3.30 2.27
C GLY A 211 4.44 -2.49 1.51
N ILE A 212 4.45 -2.81 0.20
CA ILE A 212 3.54 -2.25 -0.78
C ILE A 212 2.86 -3.48 -1.39
N VAL A 213 1.55 -3.50 -1.31
CA VAL A 213 0.80 -4.63 -1.85
C VAL A 213 1.26 -4.83 -3.32
N SER A 214 1.78 -6.04 -3.57
CA SER A 214 2.33 -6.31 -4.92
C SER A 214 1.66 -7.42 -5.67
N TRP A 215 1.72 -8.65 -5.20
CA TRP A 215 1.15 -9.80 -5.85
C TRP A 215 0.94 -10.97 -4.90
N GLY A 216 0.19 -11.96 -5.44
CA GLY A 216 -0.05 -13.15 -4.54
C GLY A 216 -0.86 -14.24 -5.25
N SER A 217 -1.61 -14.95 -4.45
CA SER A 217 -2.43 -16.06 -5.03
C SER A 217 -3.36 -15.54 -6.10
N SER A 218 -3.36 -16.28 -7.20
CA SER A 218 -4.22 -15.92 -8.34
C SER A 218 -5.67 -15.95 -7.91
N THR A 219 -5.96 -16.65 -6.82
CA THR A 219 -7.35 -16.75 -6.31
C THR A 219 -7.47 -16.13 -4.91
N CYS A 220 -6.50 -15.33 -4.55
CA CYS A 220 -6.46 -14.66 -3.22
C CYS A 220 -6.64 -15.68 -2.11
N SER A 221 -5.95 -16.82 -2.24
CA SER A 221 -6.04 -17.89 -1.24
C SER A 221 -5.50 -17.34 0.11
N THR A 222 -6.30 -17.57 1.13
CA THR A 222 -5.96 -17.12 2.48
C THR A 222 -4.94 -17.99 3.17
N SER A 223 -4.54 -19.09 2.52
CA SER A 223 -3.55 -19.98 3.16
C SER A 223 -2.24 -19.84 2.42
N THR A 224 -2.22 -18.87 1.50
CA THR A 224 -1.00 -18.62 0.73
C THR A 224 -0.45 -17.24 1.09
N PRO A 225 0.85 -17.15 1.16
CA PRO A 225 1.50 -15.87 1.48
C PRO A 225 1.29 -14.81 0.41
N GLY A 226 1.07 -13.59 0.86
CA GLY A 226 0.90 -12.41 -0.02
C GLY A 226 2.33 -11.91 -0.24
N VAL A 227 2.54 -11.23 -1.37
CA VAL A 227 3.92 -10.72 -1.60
C VAL A 227 3.77 -9.18 -1.75
N TYR A 228 4.69 -8.52 -1.11
CA TYR A 228 4.71 -7.04 -1.06
C TYR A 228 6.12 -6.56 -1.41
N ALA A 229 6.18 -5.33 -1.90
CA ALA A 229 7.52 -4.74 -2.24
C ALA A 229 8.14 -4.45 -0.88
N ARG A 230 9.37 -4.92 -0.65
CA ARG A 230 10.06 -4.70 0.63
C ARG A 230 10.58 -3.28 0.65
N VAL A 231 9.88 -2.41 1.40
CA VAL A 231 10.26 -0.99 1.44
C VAL A 231 11.69 -0.72 1.88
N THR A 232 12.27 -1.62 2.68
CA THR A 232 13.65 -1.36 3.11
C THR A 232 14.64 -1.40 1.97
N ALA A 233 14.36 -2.16 0.92
CA ALA A 233 15.22 -2.30 -0.23
C ALA A 233 15.02 -1.20 -1.27
N LEU A 234 13.93 -0.47 -1.12
CA LEU A 234 13.52 0.63 -1.98
C LEU A 234 13.55 2.00 -1.38
N VAL A 235 13.71 2.11 -0.06
CA VAL A 235 13.65 3.46 0.55
C VAL A 235 14.76 4.38 0.11
N ASN A 236 15.94 3.82 -0.19
CA ASN A 236 17.05 4.73 -0.63
C ASN A 236 16.65 5.46 -1.91
N TRP A 237 16.01 4.70 -2.82
CA TRP A 237 15.54 5.26 -4.10
C TRP A 237 14.46 6.31 -3.81
N VAL A 238 13.54 6.01 -2.90
CA VAL A 238 12.46 6.97 -2.59
C VAL A 238 13.10 8.32 -2.19
N GLN A 239 14.09 8.22 -1.31
CA GLN A 239 14.78 9.40 -0.77
C GLN A 239 15.56 10.12 -1.83
N GLN A 240 16.19 9.37 -2.70
CA GLN A 240 16.97 9.92 -3.82
C GLN A 240 16.00 10.67 -4.75
N THR A 241 14.88 10.04 -5.04
CA THR A 241 13.85 10.64 -5.93
C THR A 241 13.23 11.91 -5.38
N LEU A 242 12.91 11.95 -4.09
CA LEU A 242 12.32 13.15 -3.48
C LEU A 242 13.33 14.28 -3.41
N ALA A 243 14.58 13.91 -3.13
CA ALA A 243 15.68 14.86 -2.99
C ALA A 243 15.94 15.66 -4.26
N ALA A 244 15.82 14.99 -5.38
CA ALA A 244 16.02 15.48 -6.71
C ALA A 244 14.84 16.12 -7.40
N ASN A 245 13.66 16.06 -6.84
CA ASN A 245 12.47 16.65 -7.49
C ASN A 245 11.66 17.46 -6.50
#